data_9B98
#
_entry.id   9B98
#
_cell.length_a   201.710
_cell.length_b   52.780
_cell.length_c   76.590
_cell.angle_alpha   90.000
_cell.angle_beta   105.709
_cell.angle_gamma   90.000
#
_symmetry.space_group_name_H-M   'C 1 2 1'
#
loop_
_entity.id
_entity.type
_entity.pdbx_description
1 polymer 'Protein-arginine deiminase type-2'
2 non-polymer 'ACETATE ION'
3 non-polymer 'CALCIUM ION'
4 non-polymer (5P)-N,N-diethyl-2-fluoro-5-(2-[({1-[2-(methylamino)-2-oxoethyl]cyclohexyl}methyl)amino]-6-{methyl[1-(2-methyl-1-phenyl-1H-1,3-benzimidazole-5-carbonyl)piperidin-4-yl]amino}pyrimidin-4-yl)benzamide
5 water water
#
_entity_poly.entity_id   1
_entity_poly.type   'polypeptide(L)'
_entity_poly.pdbx_seq_one_letter_code
;MGHHHHHHHHHHSSGHIEGRHMLRERTVRLQYGSRVEAVYVLGTYLWTDVYSAAPAGAQTFSLKHSEHVWVEVVRDGEAE
EVATNGKQRWLLSPSTTLRVTMSQASTEASSDKVTVNYYDEEGSIPIDQAGLFLTAIEISLDVDADRDGVVEKNNPKKAS
WTWGPEGQGAILLVNCDRETPWLPKEDCRDEKVYSKEDLKDMSQMILRTKGPDRLPAGYEIVLYISMSDSDKVGVFYVEN
PFFGQRYIHILGRRKLYHVVKYTGGSAELLFFVEGLCFPDEGFSGLVSIHVSLLEYMAQDIPLTPIFTDTVIFRIAPWIM
TPNILPPVSVFVCCMKDNYLFLKEVKNLVEKTNCELKVCFQYLNRGDRWIQDEIEFGYIEAPHKGFPVVLDSPRDGNLKD
FPVKELLGPDFGYVTREPLFESVTSLDSFGNLEVSPPVTVNGKTYPLGRILIGSSFPLSGGRRMTKVVRDFLKAQQVQAP
VELYSDWLTVGHVDEFMSFVPIPGTKKFLLLMASTSACYKLFREKQKDGHGEAIMFKGLGGMSSKRITINKILSNESLVQ
ENLYFQRCLDWNRDILKKELGLTEQDIIDLPALFKMDEDHRARAFFPNMVNMIVLDKDLGIPKPFGPQVEEECCLEMHVR
GLLEPLGLECTFIDDISAYHKFLGEVHCGTNVRRKPFTFKWWHMVPSRRS
;
_entity_poly.pdbx_strand_id   A
#
loop_
_chem_comp.id
_chem_comp.type
_chem_comp.name
_chem_comp.formula
A1AJC non-polymer (5P)-N,N-diethyl-2-fluoro-5-(2-[({1-[2-(methylamino)-2-oxoethyl]cyclohexyl}methyl)amino]-6-{methyl[1-(2-methyl-1-phenyl-1H-1,3-benzimidazole-5-carbonyl)piperidin-4-yl]amino}pyrimidin-4-yl)benzamide 'C46 H56 F N9 O3'
ACT non-polymer 'ACETATE ION' 'C2 H3 O2 -1'
CA non-polymer 'CALCIUM ION' 'Ca 2'
#
# COMPACT_ATOMS: atom_id res chain seq x y z
N ARG A 24 -26.92 -11.36 8.14
CA ARG A 24 -26.67 -12.19 9.35
C ARG A 24 -27.99 -12.68 9.93
N GLU A 25 -28.41 -13.92 9.60
CA GLU A 25 -29.44 -14.68 10.31
C GLU A 25 -28.78 -15.58 11.36
N ARG A 26 -29.29 -15.50 12.60
CA ARG A 26 -28.67 -16.17 13.72
C ARG A 26 -29.73 -16.96 14.45
N THR A 27 -29.35 -18.07 15.09
CA THR A 27 -30.30 -18.95 15.73
C THR A 27 -30.50 -18.56 17.19
N VAL A 28 -31.75 -18.34 17.60
CA VAL A 28 -32.06 -18.23 19.02
C VAL A 28 -33.36 -18.99 19.28
N ARG A 29 -33.20 -20.21 19.79
CA ARG A 29 -34.26 -21.09 20.21
C ARG A 29 -34.98 -20.59 21.46
N LEU A 30 -36.28 -20.80 21.53
CA LEU A 30 -36.98 -20.73 22.80
C LEU A 30 -36.65 -21.97 23.61
N GLN A 31 -36.80 -21.86 24.92
CA GLN A 31 -36.43 -22.91 25.85
C GLN A 31 -37.67 -23.37 26.61
N TYR A 32 -37.87 -24.69 26.66
CA TYR A 32 -39.08 -25.30 27.22
C TYR A 32 -39.36 -24.72 28.61
N GLY A 33 -40.52 -24.06 28.76
CA GLY A 33 -41.01 -23.61 30.05
C GLY A 33 -40.35 -22.32 30.56
N SER A 34 -39.24 -21.91 29.92
CA SER A 34 -38.32 -20.89 30.41
C SER A 34 -38.55 -19.55 29.72
N ARG A 35 -37.92 -18.52 30.29
CA ARG A 35 -37.72 -17.25 29.59
C ARG A 35 -36.23 -17.10 29.31
N VAL A 36 -35.91 -16.87 28.03
CA VAL A 36 -34.53 -16.74 27.54
C VAL A 36 -34.24 -15.26 27.33
N GLU A 37 -33.15 -14.74 27.91
CA GLU A 37 -32.66 -13.38 27.67
C GLU A 37 -31.66 -13.42 26.53
N ALA A 38 -31.76 -12.52 25.57
CA ALA A 38 -30.77 -12.49 24.52
C ALA A 38 -30.44 -11.03 24.25
N VAL A 39 -29.24 -10.82 23.73
CA VAL A 39 -28.85 -9.57 23.14
C VAL A 39 -29.08 -9.72 21.64
N TYR A 40 -29.66 -8.68 21.06
CA TYR A 40 -29.90 -8.59 19.63
C TYR A 40 -29.04 -7.46 19.12
N VAL A 41 -28.22 -7.69 18.08
CA VAL A 41 -27.45 -6.59 17.49
C VAL A 41 -28.20 -6.09 16.26
N LEU A 42 -28.42 -4.79 16.17
CA LEU A 42 -29.12 -4.25 15.03
C LEU A 42 -28.32 -4.56 13.77
N GLY A 43 -29.04 -4.85 12.69
CA GLY A 43 -28.48 -5.31 11.44
C GLY A 43 -28.57 -6.82 11.24
N THR A 44 -28.95 -7.57 12.28
CA THR A 44 -29.07 -9.01 12.19
C THR A 44 -30.55 -9.38 12.22
N TYR A 45 -30.84 -10.65 11.98
CA TYR A 45 -32.16 -11.11 12.36
C TYR A 45 -32.02 -12.50 12.95
N LEU A 46 -32.96 -12.79 13.86
CA LEU A 46 -33.00 -14.03 14.61
C LEU A 46 -33.99 -14.96 13.95
N TRP A 47 -33.71 -16.26 14.01
CA TRP A 47 -34.71 -17.25 13.68
C TRP A 47 -34.93 -18.00 14.98
N THR A 48 -36.21 -18.13 15.36
CA THR A 48 -36.58 -18.69 16.65
C THR A 48 -37.43 -19.94 16.42
N ASP A 49 -36.94 -21.07 16.94
CA ASP A 49 -37.71 -22.30 16.97
C ASP A 49 -38.70 -22.21 18.12
N VAL A 50 -40.01 -22.30 17.82
CA VAL A 50 -41.06 -22.29 18.84
C VAL A 50 -41.49 -23.73 19.16
N TYR A 51 -41.43 -24.59 18.13
CA TYR A 51 -41.96 -25.94 18.18
C TYR A 51 -41.32 -26.76 19.30
N SER A 52 -39.98 -26.85 19.31
CA SER A 52 -39.32 -27.87 20.11
C SER A 52 -39.26 -27.46 21.58
N ALA A 53 -39.83 -26.28 21.89
CA ALA A 53 -39.97 -25.78 23.25
C ALA A 53 -41.35 -26.09 23.80
N ALA A 54 -42.27 -26.48 22.91
CA ALA A 54 -43.69 -26.53 23.23
C ALA A 54 -43.93 -27.76 24.10
N PRO A 55 -44.82 -27.66 25.10
CA PRO A 55 -44.95 -28.73 26.10
C PRO A 55 -45.58 -29.94 25.43
N ALA A 56 -45.55 -31.09 26.10
CA ALA A 56 -46.16 -32.29 25.54
C ALA A 56 -47.67 -32.11 25.38
N GLY A 57 -48.16 -32.22 24.14
CA GLY A 57 -49.58 -32.27 23.88
C GLY A 57 -50.19 -30.98 23.33
N ALA A 58 -49.39 -29.90 23.25
CA ALA A 58 -49.83 -28.67 22.60
C ALA A 58 -50.18 -28.95 21.14
N GLN A 59 -51.13 -28.20 20.58
CA GLN A 59 -51.48 -28.34 19.16
C GLN A 59 -51.22 -27.03 18.42
N THR A 60 -50.84 -26.01 19.18
CA THR A 60 -51.09 -24.65 18.74
C THR A 60 -50.45 -23.69 19.74
N PHE A 61 -50.09 -22.51 19.22
CA PHE A 61 -49.48 -21.43 19.99
C PHE A 61 -50.03 -20.09 19.52
N SER A 62 -50.13 -19.13 20.45
CA SER A 62 -50.24 -17.71 20.09
C SER A 62 -48.92 -17.00 20.42
N LEU A 63 -48.82 -15.69 20.16
CA LEU A 63 -47.72 -14.89 20.69
C LEU A 63 -48.10 -13.40 20.83
N LYS A 64 -47.56 -12.77 21.89
CA LYS A 64 -47.49 -11.31 22.02
C LYS A 64 -46.06 -10.87 21.72
N HIS A 65 -45.89 -9.61 21.31
CA HIS A 65 -44.57 -9.02 21.19
C HIS A 65 -44.64 -7.50 21.30
N SER A 66 -43.56 -6.88 21.77
CA SER A 66 -43.53 -5.46 22.09
C SER A 66 -43.39 -4.64 20.80
N GLU A 67 -43.45 -3.31 20.95
CA GLU A 67 -43.55 -2.35 19.85
C GLU A 67 -42.38 -2.45 18.88
N HIS A 68 -41.17 -2.55 19.45
CA HIS A 68 -39.95 -2.34 18.68
C HIS A 68 -39.37 -3.66 18.16
N VAL A 69 -40.05 -4.76 18.51
CA VAL A 69 -39.82 -6.06 17.92
C VAL A 69 -40.76 -6.26 16.73
N TRP A 70 -40.19 -6.54 15.56
CA TRP A 70 -40.96 -7.03 14.43
C TRP A 70 -40.89 -8.54 14.46
N VAL A 71 -42.05 -9.22 14.35
CA VAL A 71 -42.13 -10.67 14.36
C VAL A 71 -42.91 -11.13 13.14
N GLU A 72 -42.38 -12.15 12.44
CA GLU A 72 -43.08 -12.86 11.38
C GLU A 72 -43.24 -14.32 11.82
N VAL A 73 -44.34 -14.97 11.41
CA VAL A 73 -44.48 -16.41 11.50
C VAL A 73 -44.24 -16.99 10.11
N VAL A 74 -43.56 -18.15 10.03
CA VAL A 74 -43.02 -18.61 8.76
C VAL A 74 -43.26 -20.13 8.59
N ARG A 75 -44.23 -20.51 7.74
CA ARG A 75 -44.42 -21.90 7.36
C ARG A 75 -43.89 -22.14 5.94
N ASP A 76 -42.91 -23.03 5.84
CA ASP A 76 -42.43 -23.54 4.55
C ASP A 76 -42.23 -22.39 3.58
N GLY A 77 -41.43 -21.39 3.98
CA GLY A 77 -41.11 -20.26 3.13
C GLY A 77 -42.07 -19.08 3.33
N GLU A 78 -43.31 -19.36 3.73
CA GLU A 78 -44.40 -18.38 3.63
C GLU A 78 -44.43 -17.46 4.84
N ALA A 79 -43.76 -16.31 4.70
CA ALA A 79 -43.65 -15.29 5.72
C ALA A 79 -45.00 -14.61 5.95
N GLU A 80 -45.16 -13.97 7.11
CA GLU A 80 -46.45 -13.51 7.57
C GLU A 80 -46.27 -12.77 8.91
N GLU A 81 -46.28 -11.44 8.84
CA GLU A 81 -46.04 -10.58 9.99
C GLU A 81 -47.19 -10.68 10.99
N VAL A 82 -46.95 -10.30 12.26
CA VAL A 82 -47.98 -10.44 13.28
C VAL A 82 -47.95 -9.22 14.20
N ALA A 83 -49.15 -8.82 14.64
CA ALA A 83 -49.39 -7.64 15.44
C ALA A 83 -48.89 -7.90 16.85
N THR A 84 -48.81 -6.82 17.66
CA THR A 84 -48.30 -6.93 19.01
C THR A 84 -49.28 -7.70 19.92
N ASN A 85 -50.60 -7.61 19.66
CA ASN A 85 -51.60 -7.93 20.68
C ASN A 85 -52.52 -9.09 20.31
N GLY A 86 -52.52 -9.56 19.05
CA GLY A 86 -53.50 -10.52 18.55
C GLY A 86 -53.64 -11.79 19.40
N LYS A 87 -54.84 -12.38 19.41
CA LYS A 87 -55.12 -13.57 20.22
C LYS A 87 -55.01 -14.82 19.35
N GLN A 88 -54.57 -14.63 18.10
CA GLN A 88 -54.45 -15.68 17.09
C GLN A 88 -53.63 -16.89 17.54
N ARG A 89 -54.10 -18.09 17.13
CA ARG A 89 -53.36 -19.36 17.22
C ARG A 89 -52.93 -19.86 15.84
N TRP A 90 -51.80 -20.61 15.82
CA TRP A 90 -51.28 -21.38 14.69
C TRP A 90 -51.05 -22.84 15.10
N LEU A 91 -50.81 -23.67 14.09
CA LEU A 91 -50.60 -25.10 14.30
C LEU A 91 -49.10 -25.30 14.53
N LEU A 92 -48.76 -25.98 15.64
CA LEU A 92 -47.38 -26.25 16.03
C LEU A 92 -46.73 -27.25 15.07
N SER A 93 -45.70 -26.82 14.34
CA SER A 93 -44.96 -27.71 13.46
C SER A 93 -43.48 -27.31 13.44
N PRO A 94 -42.55 -28.25 13.15
CA PRO A 94 -41.14 -27.89 12.95
C PRO A 94 -40.87 -26.96 11.76
N SER A 95 -41.83 -26.88 10.84
CA SER A 95 -41.74 -25.97 9.70
C SER A 95 -42.30 -24.58 10.06
N THR A 96 -42.94 -24.48 11.22
CA THR A 96 -43.41 -23.20 11.74
C THR A 96 -42.39 -22.67 12.76
N THR A 97 -41.61 -21.69 12.32
CA THR A 97 -40.64 -20.96 13.11
C THR A 97 -40.99 -19.46 13.07
N LEU A 98 -40.29 -18.63 13.85
CA LEU A 98 -40.43 -17.18 13.75
C LEU A 98 -39.18 -16.58 13.11
N ARG A 99 -39.32 -15.34 12.61
CA ARG A 99 -38.20 -14.47 12.27
C ARG A 99 -38.37 -13.19 13.09
N VAL A 100 -37.35 -12.80 13.87
CA VAL A 100 -37.45 -11.66 14.77
C VAL A 100 -36.46 -10.58 14.33
N THR A 101 -36.95 -9.36 14.18
CA THR A 101 -36.12 -8.20 13.88
C THR A 101 -36.38 -7.14 14.94
N MET A 102 -35.43 -6.22 15.10
CA MET A 102 -35.65 -5.01 15.87
C MET A 102 -35.01 -3.87 15.09
N SER A 103 -35.60 -2.68 15.21
CA SER A 103 -35.21 -1.53 14.40
C SER A 103 -34.69 -0.36 15.24
N GLN A 104 -34.59 -0.46 16.57
CA GLN A 104 -33.90 0.55 17.35
C GLN A 104 -33.34 -0.04 18.64
N ALA A 105 -32.24 0.54 19.14
CA ALA A 105 -31.53 0.03 20.32
C ALA A 105 -32.47 0.13 21.50
N SER A 106 -32.09 -0.51 22.61
CA SER A 106 -32.84 -0.48 23.86
C SER A 106 -32.24 0.56 24.79
N THR A 107 -33.05 1.04 25.74
CA THR A 107 -32.66 2.06 26.70
C THR A 107 -32.65 1.50 28.12
N GLU A 108 -33.39 0.40 28.31
CA GLU A 108 -33.03 -0.55 29.34
C GLU A 108 -33.07 -1.96 28.76
N ALA A 109 -32.28 -2.82 29.43
CA ALA A 109 -32.19 -4.24 29.18
C ALA A 109 -33.55 -4.92 29.34
N SER A 110 -33.74 -6.00 28.58
CA SER A 110 -35.04 -6.62 28.35
C SER A 110 -35.99 -5.53 27.86
N SER A 111 -37.21 -5.49 28.40
CA SER A 111 -38.19 -4.49 27.98
C SER A 111 -38.81 -4.96 26.66
N ASP A 112 -38.04 -4.94 25.57
CA ASP A 112 -38.50 -5.56 24.35
C ASP A 112 -38.60 -7.05 24.59
N LYS A 113 -39.62 -7.69 24.01
CA LYS A 113 -39.81 -9.10 24.29
C LYS A 113 -40.77 -9.73 23.29
N VAL A 114 -40.70 -11.06 23.21
CA VAL A 114 -41.62 -11.91 22.45
C VAL A 114 -42.00 -13.06 23.37
N THR A 115 -43.29 -13.28 23.59
CA THR A 115 -43.72 -14.38 24.44
C THR A 115 -44.68 -15.24 23.64
N VAL A 116 -44.63 -16.55 23.87
CA VAL A 116 -45.36 -17.51 23.06
C VAL A 116 -46.24 -18.32 24.00
N ASN A 117 -47.53 -18.46 23.68
CA ASN A 117 -48.42 -19.29 24.47
C ASN A 117 -48.73 -20.59 23.71
N TYR A 118 -48.73 -21.68 24.47
CA TYR A 118 -49.04 -23.00 23.94
C TYR A 118 -50.39 -23.47 24.51
N TYR A 119 -51.34 -23.81 23.62
CA TYR A 119 -52.65 -24.29 24.04
C TYR A 119 -52.90 -25.72 23.55
N ASP A 120 -53.53 -26.55 24.42
CA ASP A 120 -53.75 -27.96 24.13
C ASP A 120 -54.96 -28.11 23.20
N GLU A 121 -55.62 -29.29 23.25
CA GLU A 121 -56.52 -29.69 22.18
C GLU A 121 -57.73 -28.76 22.13
N GLU A 122 -58.33 -28.51 23.30
CA GLU A 122 -59.44 -27.58 23.41
C GLU A 122 -58.97 -26.39 24.26
N GLY A 123 -59.04 -26.54 25.60
CA GLY A 123 -58.49 -25.58 26.56
C GLY A 123 -58.02 -24.26 25.94
N SER A 124 -58.75 -23.17 26.23
CA SER A 124 -58.49 -21.86 25.65
C SER A 124 -57.67 -20.99 26.61
N ILE A 125 -57.10 -21.63 27.64
CA ILE A 125 -56.11 -21.01 28.50
C ILE A 125 -54.78 -21.70 28.21
N PRO A 126 -53.65 -20.96 28.07
CA PRO A 126 -52.38 -21.59 27.74
C PRO A 126 -52.00 -22.60 28.82
N ILE A 127 -51.47 -23.75 28.37
CA ILE A 127 -50.96 -24.78 29.27
C ILE A 127 -49.58 -24.37 29.75
N ASP A 128 -48.70 -24.00 28.82
CA ASP A 128 -47.41 -23.46 29.17
C ASP A 128 -47.16 -22.24 28.29
N GLN A 129 -45.98 -21.65 28.49
CA GLN A 129 -45.55 -20.46 27.78
C GLN A 129 -44.03 -20.46 27.72
N ALA A 130 -43.46 -19.85 26.68
CA ALA A 130 -42.03 -19.54 26.64
C ALA A 130 -41.80 -18.12 26.11
N GLY A 131 -40.80 -17.45 26.67
CA GLY A 131 -40.54 -16.05 26.35
C GLY A 131 -39.14 -15.84 25.80
N LEU A 132 -38.93 -14.63 25.30
CA LEU A 132 -37.67 -14.17 24.76
C LEU A 132 -37.54 -12.70 25.13
N PHE A 133 -36.53 -12.38 25.93
CA PHE A 133 -36.35 -11.05 26.47
C PHE A 133 -35.12 -10.51 25.79
N LEU A 134 -35.33 -9.52 24.92
CA LEU A 134 -34.30 -8.99 24.06
C LEU A 134 -33.84 -7.63 24.55
N THR A 135 -32.53 -7.39 24.50
CA THR A 135 -31.90 -6.07 24.58
C THR A 135 -31.20 -5.76 23.26
N ALA A 136 -31.75 -4.81 22.49
CA ALA A 136 -31.18 -4.46 21.20
C ALA A 136 -30.03 -3.47 21.40
N ILE A 137 -28.87 -3.78 20.82
CA ILE A 137 -27.80 -2.80 20.81
C ILE A 137 -27.28 -2.66 19.39
N GLU A 138 -26.61 -1.53 19.17
CA GLU A 138 -25.93 -1.23 17.92
C GLU A 138 -24.44 -1.31 18.21
N ILE A 139 -23.68 -2.07 17.41
CA ILE A 139 -22.23 -2.15 17.50
C ILE A 139 -21.66 -2.12 16.08
N SER A 140 -20.76 -1.17 15.83
CA SER A 140 -20.19 -0.97 14.52
C SER A 140 -18.71 -0.62 14.70
N LEU A 141 -17.85 -1.29 13.96
CA LEU A 141 -16.43 -0.97 13.97
C LEU A 141 -16.14 -0.28 12.65
N ASP A 142 -15.77 1.00 12.73
CA ASP A 142 -15.85 1.86 11.56
C ASP A 142 -14.47 2.39 11.15
N VAL A 143 -14.28 2.54 9.83
CA VAL A 143 -13.07 3.08 9.24
C VAL A 143 -13.38 3.90 7.99
N ASP A 144 -12.34 4.53 7.44
CA ASP A 144 -12.49 5.44 6.33
C ASP A 144 -12.28 4.68 5.02
N ALA A 145 -13.28 3.87 4.70
CA ALA A 145 -13.18 2.92 3.60
C ALA A 145 -13.42 3.63 2.29
N ASP A 146 -14.04 4.82 2.36
CA ASP A 146 -14.35 5.56 1.14
C ASP A 146 -13.25 6.60 0.95
N ARG A 147 -12.27 6.69 1.86
CA ARG A 147 -10.95 7.21 1.52
C ARG A 147 -10.95 8.73 1.38
N ASP A 148 -11.79 9.40 2.17
CA ASP A 148 -11.83 10.85 2.17
C ASP A 148 -11.28 11.42 3.47
N GLY A 149 -10.69 10.60 4.33
CA GLY A 149 -10.19 11.14 5.58
C GLY A 149 -11.23 11.29 6.71
N VAL A 150 -12.54 11.13 6.45
CA VAL A 150 -13.54 11.12 7.53
C VAL A 150 -14.02 9.69 7.83
N VAL A 151 -14.12 9.30 9.11
CA VAL A 151 -14.45 7.90 9.42
C VAL A 151 -15.96 7.72 9.36
N GLU A 152 -16.49 7.31 8.20
CA GLU A 152 -17.93 7.28 7.98
C GLU A 152 -18.57 6.15 8.80
N LYS A 153 -19.91 6.18 8.91
CA LYS A 153 -20.65 5.23 9.73
C LYS A 153 -20.90 3.94 8.96
N ASN A 154 -20.30 2.85 9.43
CA ASN A 154 -20.46 1.51 8.89
C ASN A 154 -20.54 1.49 7.36
N ASN A 155 -19.47 1.94 6.69
CA ASN A 155 -19.34 1.71 5.27
C ASN A 155 -19.56 0.22 4.96
N PRO A 156 -20.56 -0.17 4.16
CA PRO A 156 -20.80 -1.59 3.90
C PRO A 156 -19.67 -2.36 3.19
N LYS A 157 -18.69 -1.64 2.63
CA LYS A 157 -17.53 -2.25 1.98
C LYS A 157 -16.31 -2.26 2.89
N LYS A 158 -16.48 -1.98 4.18
CA LYS A 158 -15.34 -1.75 5.04
C LYS A 158 -14.56 -3.03 5.26
N ALA A 159 -15.19 -4.18 4.99
CA ALA A 159 -14.58 -5.48 5.19
C ALA A 159 -13.96 -5.99 3.90
N SER A 160 -13.91 -5.15 2.86
CA SER A 160 -13.21 -5.51 1.64
C SER A 160 -12.18 -4.43 1.31
N TRP A 161 -11.42 -4.66 0.22
CA TRP A 161 -10.47 -3.66 -0.28
C TRP A 161 -10.42 -3.77 -1.79
N THR A 162 -10.81 -2.70 -2.51
CA THR A 162 -10.80 -2.74 -3.97
C THR A 162 -10.10 -1.55 -4.58
N TRP A 163 -9.61 -1.76 -5.80
CA TRP A 163 -8.76 -0.79 -6.45
C TRP A 163 -9.56 0.16 -7.29
N GLY A 164 -8.98 1.31 -7.60
CA GLY A 164 -9.58 2.19 -8.57
C GLY A 164 -10.30 3.36 -7.90
N PRO A 165 -10.84 4.26 -8.72
CA PRO A 165 -11.50 5.46 -8.20
C PRO A 165 -12.83 5.08 -7.55
N GLU A 166 -13.58 4.17 -8.19
CA GLU A 166 -14.86 3.69 -7.65
C GLU A 166 -14.61 2.62 -6.59
N GLY A 167 -13.34 2.33 -6.31
CA GLY A 167 -12.97 1.27 -5.38
C GLY A 167 -13.04 1.81 -3.96
N GLN A 168 -12.98 0.89 -2.99
CA GLN A 168 -13.13 1.25 -1.58
C GLN A 168 -12.43 0.25 -0.66
N GLY A 169 -12.17 0.72 0.57
CA GLY A 169 -11.33 0.01 1.53
C GLY A 169 -10.33 0.96 2.18
N ALA A 170 -10.13 0.80 3.48
CA ALA A 170 -9.33 1.73 4.26
C ALA A 170 -7.85 1.48 4.06
N ILE A 171 -7.06 2.56 4.20
CA ILE A 171 -5.63 2.55 3.97
C ILE A 171 -4.92 2.90 5.28
N LEU A 172 -3.73 2.28 5.49
CA LEU A 172 -2.90 2.37 6.69
C LEU A 172 -1.43 2.58 6.30
N LEU A 173 -0.76 3.59 6.87
CA LEU A 173 0.67 3.79 6.66
C LEU A 173 1.48 2.93 7.62
N VAL A 174 2.65 2.48 7.15
CA VAL A 174 3.74 2.07 8.03
C VAL A 174 4.26 3.32 8.73
N ASN A 175 4.33 3.23 10.07
CA ASN A 175 4.80 4.29 10.94
C ASN A 175 6.33 4.20 11.05
N CYS A 176 7.01 4.49 9.92
CA CYS A 176 8.40 4.15 9.73
C CYS A 176 9.28 5.41 9.88
N ASP A 177 8.65 6.54 10.24
CA ASP A 177 9.34 7.76 10.62
C ASP A 177 9.57 7.77 12.12
N ARG A 178 9.94 8.95 12.61
CA ARG A 178 10.33 9.12 14.01
C ARG A 178 9.89 10.49 14.51
N GLU A 179 8.97 10.47 15.49
CA GLU A 179 8.38 11.70 16.01
C GLU A 179 9.27 12.25 17.12
N THR A 180 10.09 11.37 17.73
CA THR A 180 10.79 11.64 18.96
C THR A 180 12.27 11.29 18.82
N PRO A 181 13.17 12.30 18.63
CA PRO A 181 14.53 12.08 18.13
C PRO A 181 15.51 11.43 19.11
N TRP A 182 15.17 11.40 20.39
CA TRP A 182 16.01 10.75 21.39
C TRP A 182 16.04 9.25 21.15
N LEU A 183 15.20 8.77 20.21
CA LEU A 183 14.85 7.37 20.08
C LEU A 183 15.69 6.67 19.03
N PRO A 184 16.24 5.48 19.34
CA PRO A 184 17.20 4.80 18.46
C PRO A 184 16.64 4.26 17.13
N LYS A 185 15.30 4.15 17.05
CA LYS A 185 14.66 3.44 15.96
C LYS A 185 13.38 4.17 15.53
N GLU A 186 12.70 3.62 14.51
CA GLU A 186 11.48 4.23 14.00
C GLU A 186 10.31 3.81 14.88
N ASP A 187 9.27 4.64 14.82
CA ASP A 187 8.12 4.54 15.71
C ASP A 187 7.55 3.13 15.78
N CYS A 188 7.37 2.49 14.61
CA CYS A 188 6.71 1.20 14.54
C CYS A 188 7.54 0.11 15.22
N ARG A 189 8.75 0.45 15.68
CA ARG A 189 9.64 -0.58 16.18
C ARG A 189 9.31 -0.99 17.61
N ASP A 190 8.53 -0.18 18.34
CA ASP A 190 8.20 -0.54 19.71
C ASP A 190 6.71 -0.92 19.76
N GLU A 191 6.15 -0.92 20.98
CA GLU A 191 4.71 -0.96 21.17
C GLU A 191 4.29 0.22 22.05
N LYS A 192 4.87 1.39 21.78
CA LYS A 192 4.61 2.58 22.59
C LYS A 192 4.48 3.79 21.69
N VAL A 193 3.68 4.78 22.12
CA VAL A 193 3.56 6.09 21.46
C VAL A 193 3.98 7.19 22.45
N TYR A 194 5.04 7.95 22.12
CA TYR A 194 5.51 9.04 22.96
C TYR A 194 5.24 10.39 22.28
N SER A 195 3.99 10.73 21.97
CA SER A 195 3.68 12.04 21.40
C SER A 195 2.44 11.97 20.53
N LYS A 196 1.55 12.96 20.70
CA LYS A 196 0.32 13.03 19.93
C LYS A 196 0.61 13.36 18.46
N GLU A 197 1.83 13.83 18.15
CA GLU A 197 2.23 14.12 16.78
C GLU A 197 2.11 12.81 15.98
N ASP A 198 2.53 11.70 16.64
CA ASP A 198 2.53 10.36 16.12
C ASP A 198 1.16 9.98 15.53
N LEU A 199 0.09 10.27 16.25
CA LEU A 199 -1.25 9.81 15.90
C LEU A 199 -1.69 10.35 14.53
N LYS A 200 -0.99 11.36 14.00
CA LYS A 200 -1.33 11.90 12.69
C LYS A 200 -0.88 10.91 11.61
N ASP A 201 0.05 10.01 11.97
CA ASP A 201 0.57 9.02 11.03
C ASP A 201 -0.30 7.76 11.05
N MET A 202 -1.31 7.72 11.93
CA MET A 202 -2.07 6.51 12.18
C MET A 202 -3.45 6.67 11.56
N SER A 203 -4.11 5.52 11.35
CA SER A 203 -5.46 5.52 10.80
C SER A 203 -6.47 5.37 11.93
N GLN A 204 -7.61 6.00 11.74
CA GLN A 204 -8.61 6.06 12.81
C GLN A 204 -9.62 4.94 12.61
N MET A 205 -9.98 4.32 13.73
CA MET A 205 -10.99 3.27 13.80
C MET A 205 -11.86 3.50 15.04
N ILE A 206 -13.19 3.62 14.81
CA ILE A 206 -14.13 4.05 15.84
C ILE A 206 -15.15 2.95 16.06
N LEU A 207 -15.12 2.37 17.28
CA LEU A 207 -16.17 1.47 17.76
C LEU A 207 -17.37 2.29 18.22
N ARG A 208 -18.47 2.22 17.46
CA ARG A 208 -19.67 2.97 17.74
C ARG A 208 -20.77 2.03 18.25
N THR A 209 -21.24 2.33 19.46
CA THR A 209 -22.25 1.56 20.15
C THR A 209 -23.41 2.46 20.56
N LYS A 210 -24.53 1.80 20.79
CA LYS A 210 -25.81 2.46 21.04
C LYS A 210 -26.63 1.41 21.76
N GLY A 211 -26.96 1.65 23.02
CA GLY A 211 -27.61 0.66 23.85
C GLY A 211 -27.99 1.20 25.22
N PRO A 212 -28.47 0.33 26.13
CA PRO A 212 -28.76 0.74 27.50
C PRO A 212 -27.46 1.01 28.26
N ASP A 213 -27.59 1.26 29.55
CA ASP A 213 -26.51 1.80 30.37
C ASP A 213 -25.58 0.70 30.87
N ARG A 214 -26.07 -0.54 30.96
CA ARG A 214 -25.16 -1.66 31.09
C ARG A 214 -25.54 -2.80 30.13
N LEU A 215 -24.54 -3.62 29.81
CA LEU A 215 -24.75 -4.88 29.11
C LEU A 215 -25.47 -5.86 30.03
N PRO A 216 -26.42 -6.67 29.51
CA PRO A 216 -26.98 -7.76 30.29
C PRO A 216 -25.84 -8.69 30.72
N ALA A 217 -26.11 -9.50 31.75
CA ALA A 217 -25.06 -10.26 32.41
C ALA A 217 -24.50 -11.34 31.48
N GLY A 218 -23.16 -11.44 31.41
CA GLY A 218 -22.50 -12.52 30.70
C GLY A 218 -22.11 -12.18 29.26
N TYR A 219 -22.06 -10.87 28.94
CA TYR A 219 -21.58 -10.41 27.64
C TYR A 219 -20.39 -9.47 27.81
N GLU A 220 -19.39 -9.63 26.94
CA GLU A 220 -18.42 -8.57 26.78
C GLU A 220 -18.04 -8.36 25.32
N ILE A 221 -17.47 -7.18 25.06
CA ILE A 221 -16.99 -6.79 23.76
C ILE A 221 -15.47 -6.92 23.77
N VAL A 222 -14.94 -7.58 22.73
CA VAL A 222 -13.54 -7.96 22.62
C VAL A 222 -13.09 -7.55 21.23
N LEU A 223 -12.11 -6.62 21.13
CA LEU A 223 -11.37 -6.40 19.90
C LEU A 223 -10.33 -7.50 19.76
N TYR A 224 -10.03 -7.96 18.54
CA TYR A 224 -9.01 -8.99 18.36
C TYR A 224 -8.41 -8.95 16.95
N ILE A 225 -7.25 -9.63 16.86
CA ILE A 225 -6.48 -9.81 15.64
C ILE A 225 -5.89 -11.23 15.61
N SER A 226 -5.36 -11.61 14.44
CA SER A 226 -4.80 -12.93 14.27
C SER A 226 -3.34 -12.89 14.71
N MET A 227 -2.82 -14.06 15.07
CA MET A 227 -1.43 -14.18 15.47
C MET A 227 -0.60 -13.55 14.38
N SER A 228 -0.98 -13.82 13.13
CA SER A 228 -0.16 -13.46 12.00
C SER A 228 -0.12 -11.95 11.79
N ASP A 229 -1.28 -11.31 11.92
CA ASP A 229 -1.39 -9.87 11.76
C ASP A 229 -0.80 -9.11 12.94
N SER A 230 -0.58 -9.84 14.05
CA SER A 230 -0.07 -9.26 15.29
C SER A 230 1.35 -8.73 15.15
N ASP A 231 2.11 -9.04 14.07
CA ASP A 231 3.37 -8.35 13.82
C ASP A 231 3.27 -7.36 12.66
N LYS A 232 2.04 -7.07 12.19
CA LYS A 232 1.83 -6.14 11.09
C LYS A 232 1.10 -4.86 11.50
N VAL A 233 0.43 -4.86 12.66
CA VAL A 233 -0.40 -3.74 13.10
CA VAL A 233 -0.37 -3.72 13.10
C VAL A 233 -0.07 -3.45 14.58
N GLY A 234 -0.20 -2.18 14.97
CA GLY A 234 -0.33 -1.85 16.39
C GLY A 234 -1.53 -0.90 16.61
N VAL A 235 -2.34 -1.19 17.64
CA VAL A 235 -3.53 -0.39 17.94
C VAL A 235 -3.39 0.24 19.33
N PHE A 236 -3.79 1.52 19.40
CA PHE A 236 -3.52 2.42 20.50
C PHE A 236 -4.86 3.08 20.89
N TYR A 237 -5.08 3.14 22.23
CA TYR A 237 -6.17 3.90 22.82
C TYR A 237 -5.60 5.14 23.54
N VAL A 238 -6.23 6.30 23.27
CA VAL A 238 -5.87 7.59 23.86
C VAL A 238 -6.71 7.89 25.10
N GLU A 239 -6.14 7.59 26.29
CA GLU A 239 -6.79 7.80 27.59
C GLU A 239 -6.39 9.16 28.18
N ASN A 240 -7.39 9.92 28.67
CA ASN A 240 -7.22 11.29 29.14
C ASN A 240 -7.09 12.25 27.97
N PRO A 241 -7.88 12.11 26.87
CA PRO A 241 -7.52 12.68 25.57
C PRO A 241 -7.25 14.19 25.62
N GLN A 245 -2.57 13.47 28.12
CA GLN A 245 -3.25 12.24 27.62
C GLN A 245 -2.25 11.09 27.60
N ARG A 246 -2.76 9.86 27.72
CA ARG A 246 -1.92 8.66 27.81
C ARG A 246 -2.24 7.76 26.61
N TYR A 247 -1.30 6.87 26.25
CA TYR A 247 -1.40 6.11 25.00
C TYR A 247 -1.25 4.62 25.29
N ILE A 248 -2.35 3.88 25.09
CA ILE A 248 -2.40 2.50 25.54
C ILE A 248 -2.33 1.57 24.34
N HIS A 249 -1.35 0.68 24.35
CA HIS A 249 -1.24 -0.36 23.34
C HIS A 249 -2.21 -1.47 23.69
N ILE A 250 -3.25 -1.66 22.87
CA ILE A 250 -4.26 -2.69 23.11
C ILE A 250 -4.11 -3.94 22.22
N LEU A 251 -3.74 -3.81 20.93
CA LEU A 251 -3.59 -4.96 20.03
C LEU A 251 -2.31 -4.78 19.23
N GLY A 252 -1.65 -5.87 18.84
CA GLY A 252 -0.36 -5.74 18.20
C GLY A 252 0.56 -6.85 18.64
N ARG A 253 1.88 -6.58 18.61
CA ARG A 253 2.88 -7.55 19.07
C ARG A 253 2.45 -8.06 20.44
N ARG A 254 2.36 -9.39 20.55
CA ARG A 254 2.02 -10.13 21.77
C ARG A 254 0.76 -9.60 22.45
N LYS A 255 -0.11 -8.87 21.75
CA LYS A 255 -1.45 -8.58 22.23
C LYS A 255 -2.48 -8.84 21.13
N LEU A 256 -3.12 -10.03 21.20
CA LEU A 256 -4.04 -10.49 20.16
C LEU A 256 -5.46 -10.08 20.46
N TYR A 257 -5.76 -9.71 21.71
CA TYR A 257 -7.12 -9.36 22.11
C TYR A 257 -7.13 -8.24 23.14
N HIS A 258 -8.24 -7.52 23.20
CA HIS A 258 -8.48 -6.52 24.22
C HIS A 258 -9.95 -6.49 24.60
N VAL A 259 -10.27 -6.69 25.89
CA VAL A 259 -11.63 -6.52 26.38
C VAL A 259 -11.93 -5.04 26.59
N VAL A 260 -13.07 -4.61 26.03
CA VAL A 260 -13.47 -3.22 25.94
C VAL A 260 -14.53 -2.90 27.00
N LYS A 261 -14.41 -1.74 27.67
CA LYS A 261 -15.44 -1.29 28.60
C LYS A 261 -16.63 -0.73 27.80
N TYR A 262 -17.78 -1.39 27.87
CA TYR A 262 -19.02 -0.86 27.30
C TYR A 262 -19.42 0.40 28.07
N THR A 263 -19.72 1.47 27.34
CA THR A 263 -20.40 2.62 27.90
C THR A 263 -21.79 2.64 27.29
N GLY A 264 -22.77 3.01 28.12
CA GLY A 264 -24.16 2.98 27.72
C GLY A 264 -24.53 4.16 26.81
N GLY A 265 -25.78 4.17 26.34
CA GLY A 265 -26.26 5.22 25.45
C GLY A 265 -25.46 5.20 24.16
N SER A 266 -25.63 6.25 23.36
CA SER A 266 -24.85 6.46 22.14
C SER A 266 -23.39 6.80 22.49
N ALA A 267 -22.43 5.94 22.09
CA ALA A 267 -21.03 6.09 22.46
C ALA A 267 -20.10 5.79 21.27
N GLU A 268 -18.87 6.33 21.38
CA GLU A 268 -17.82 6.19 20.39
C GLU A 268 -16.53 5.97 21.15
N LEU A 269 -15.78 4.91 20.81
CA LEU A 269 -14.39 4.83 21.24
C LEU A 269 -13.52 5.03 19.99
N LEU A 270 -12.40 5.71 20.21
CA LEU A 270 -11.47 6.09 19.16
C LEU A 270 -10.19 5.31 19.38
N PHE A 271 -9.76 4.56 18.35
CA PHE A 271 -8.50 3.88 18.41
C PHE A 271 -7.64 4.42 17.29
N PHE A 272 -6.33 4.23 17.44
CA PHE A 272 -5.38 4.63 16.41
C PHE A 272 -4.57 3.39 16.02
N VAL A 273 -4.43 3.23 14.69
CA VAL A 273 -3.85 2.03 14.10
C VAL A 273 -2.57 2.45 13.38
N GLU A 274 -1.48 1.73 13.66
CA GLU A 274 -0.24 1.97 12.95
C GLU A 274 0.14 0.69 12.20
N GLY A 275 0.62 0.84 10.95
CA GLY A 275 1.32 -0.23 10.25
C GLY A 275 2.74 -0.44 10.78
N LEU A 276 3.17 -1.70 10.81
CA LEU A 276 4.50 -2.08 11.25
C LEU A 276 5.37 -2.63 10.10
N CYS A 277 4.78 -3.28 9.08
N CYS A 277 4.78 -3.33 9.12
CA CYS A 277 5.53 -3.91 7.99
CA CYS A 277 5.50 -3.92 7.99
C CYS A 277 4.97 -3.51 6.63
C CYS A 277 5.03 -3.31 6.67
N PHE A 278 5.89 -3.39 5.66
CA PHE A 278 5.53 -3.09 4.28
C PHE A 278 5.00 -4.36 3.62
N PRO A 279 4.19 -4.27 2.54
CA PRO A 279 3.87 -5.43 1.72
C PRO A 279 5.20 -6.07 1.40
N ASP A 280 5.27 -7.41 1.38
CA ASP A 280 6.53 -8.06 1.06
C ASP A 280 6.23 -9.49 0.62
N GLU A 281 7.25 -10.18 0.16
CA GLU A 281 7.18 -11.62 -0.02
C GLU A 281 6.37 -12.20 1.14
N GLY A 282 5.27 -12.85 0.79
CA GLY A 282 4.49 -13.57 1.78
C GLY A 282 3.62 -12.66 2.65
N PHE A 283 3.45 -11.39 2.26
CA PHE A 283 2.53 -10.51 2.97
C PHE A 283 1.93 -9.55 1.96
N SER A 284 0.62 -9.67 1.69
CA SER A 284 0.01 -8.90 0.61
C SER A 284 -0.14 -7.44 1.00
N GLY A 285 -0.09 -7.14 2.31
CA GLY A 285 -0.40 -5.82 2.82
C GLY A 285 -1.85 -5.64 3.29
N LEU A 286 -2.68 -6.69 3.33
CA LEU A 286 -4.02 -6.58 3.91
C LEU A 286 -4.03 -7.12 5.34
N VAL A 287 -4.76 -6.44 6.23
CA VAL A 287 -4.85 -6.82 7.63
C VAL A 287 -6.26 -6.54 8.08
N SER A 288 -6.65 -7.24 9.13
CA SER A 288 -8.02 -7.30 9.61
C SER A 288 -8.03 -7.04 11.10
N ILE A 289 -9.09 -6.36 11.54
CA ILE A 289 -9.33 -6.19 12.97
C ILE A 289 -10.82 -6.41 13.16
N HIS A 290 -11.14 -7.12 14.26
CA HIS A 290 -12.48 -7.64 14.49
C HIS A 290 -12.92 -7.17 15.84
N VAL A 291 -14.24 -7.13 16.02
CA VAL A 291 -14.86 -6.96 17.33
C VAL A 291 -15.95 -8.02 17.45
N SER A 292 -15.96 -8.75 18.58
CA SER A 292 -16.99 -9.74 18.85
C SER A 292 -17.73 -9.32 20.11
N LEU A 293 -19.05 -9.51 20.08
CA LEU A 293 -19.84 -9.63 21.30
C LEU A 293 -19.81 -11.10 21.71
N LEU A 294 -19.15 -11.42 22.83
CA LEU A 294 -18.93 -12.80 23.26
C LEU A 294 -19.82 -13.08 24.48
N GLU A 295 -20.75 -14.04 24.35
CA GLU A 295 -21.50 -14.52 25.49
C GLU A 295 -20.60 -15.42 26.34
N TYR A 296 -20.79 -15.33 27.66
CA TYR A 296 -20.11 -16.20 28.61
C TYR A 296 -21.12 -17.05 29.34
N MET A 297 -20.64 -18.18 29.86
CA MET A 297 -21.41 -19.07 30.73
C MET A 297 -21.06 -18.84 32.21
N ALA A 298 -19.94 -18.15 32.48
CA ALA A 298 -19.45 -17.95 33.84
C ALA A 298 -18.37 -16.86 33.85
N GLN A 299 -17.52 -16.86 34.91
CA GLN A 299 -16.22 -16.20 34.85
C GLN A 299 -15.28 -17.18 34.16
N ASP A 300 -14.56 -16.73 33.14
CA ASP A 300 -14.11 -17.63 32.09
C ASP A 300 -15.34 -18.42 31.64
N ILE A 301 -15.15 -19.66 31.16
CA ILE A 301 -16.12 -20.33 30.31
C ILE A 301 -16.75 -19.34 29.32
N PRO A 302 -15.99 -18.82 28.33
CA PRO A 302 -16.61 -18.16 27.16
C PRO A 302 -17.38 -19.20 26.36
N LEU A 303 -18.44 -18.73 25.69
CA LEU A 303 -19.34 -19.54 24.90
C LEU A 303 -19.03 -19.23 23.42
N THR A 304 -19.91 -18.50 22.73
CA THR A 304 -19.69 -18.19 21.34
C THR A 304 -19.88 -16.70 21.15
N PRO A 305 -19.24 -16.11 20.10
CA PRO A 305 -19.57 -14.76 19.65
C PRO A 305 -21.02 -14.73 19.20
N ILE A 306 -21.84 -13.80 19.69
CA ILE A 306 -23.19 -13.67 19.16
C ILE A 306 -23.17 -12.66 18.02
N PHE A 307 -22.04 -11.97 17.83
CA PHE A 307 -21.91 -11.01 16.76
C PHE A 307 -20.43 -10.75 16.51
N THR A 308 -20.05 -10.48 15.25
CA THR A 308 -18.69 -10.10 14.88
C THR A 308 -18.73 -9.04 13.79
N ASP A 309 -17.88 -8.03 13.89
CA ASP A 309 -17.74 -7.04 12.82
C ASP A 309 -16.25 -6.95 12.49
N THR A 310 -15.96 -6.70 11.22
CA THR A 310 -14.59 -6.75 10.70
C THR A 310 -14.35 -5.54 9.78
N VAL A 311 -13.16 -4.91 9.96
CA VAL A 311 -12.60 -3.92 9.04
C VAL A 311 -11.26 -4.42 8.48
N ILE A 312 -10.97 -3.97 7.25
CA ILE A 312 -9.76 -4.34 6.52
C ILE A 312 -8.98 -3.06 6.30
N PHE A 313 -7.65 -3.17 6.44
CA PHE A 313 -6.76 -2.10 6.05
C PHE A 313 -5.83 -2.66 5.00
N ARG A 314 -5.52 -1.87 3.97
CA ARG A 314 -4.38 -2.17 3.13
C ARG A 314 -3.26 -1.22 3.50
N ILE A 315 -2.10 -1.81 3.86
CA ILE A 315 -0.90 -1.07 4.19
C ILE A 315 -0.36 -0.49 2.90
N ALA A 316 0.00 0.79 2.96
CA ALA A 316 0.24 1.57 1.75
C ALA A 316 1.64 1.24 1.23
N PRO A 317 1.84 1.05 -0.10
CA PRO A 317 3.15 0.59 -0.58
C PRO A 317 4.17 1.72 -0.57
N TRP A 318 5.44 1.30 -0.65
CA TRP A 318 6.53 2.22 -0.91
C TRP A 318 6.57 2.52 -2.40
N ILE A 319 6.58 3.83 -2.75
CA ILE A 319 6.54 4.34 -4.12
C ILE A 319 7.77 5.18 -4.49
N MET A 320 8.46 4.87 -5.62
CA MET A 320 9.64 5.60 -6.10
C MET A 320 9.24 6.80 -6.95
N THR A 321 10.11 7.83 -7.10
CA THR A 321 9.78 9.01 -7.92
C THR A 321 10.72 9.23 -9.12
N PRO A 322 10.18 9.24 -10.38
CA PRO A 322 10.96 9.45 -11.61
C PRO A 322 11.41 10.89 -11.90
N ASN A 323 12.13 11.09 -13.02
CA ASN A 323 12.85 12.34 -13.33
C ASN A 323 11.94 13.44 -13.85
N ILE A 324 10.78 13.03 -14.37
CA ILE A 324 9.80 13.94 -14.92
C ILE A 324 9.03 14.66 -13.80
N LEU A 325 9.16 14.18 -12.55
CA LEU A 325 8.48 14.76 -11.39
C LEU A 325 9.31 15.91 -10.82
N PRO A 326 8.68 17.07 -10.45
CA PRO A 326 9.40 18.26 -10.03
C PRO A 326 10.29 18.09 -8.79
N PRO A 327 11.58 18.54 -8.84
CA PRO A 327 12.51 18.34 -7.73
C PRO A 327 12.25 19.32 -6.59
N VAL A 328 12.49 18.88 -5.36
CA VAL A 328 12.24 19.69 -4.18
C VAL A 328 13.58 19.99 -3.51
N SER A 329 14.45 18.99 -3.43
CA SER A 329 15.76 19.22 -2.87
C SER A 329 16.78 18.25 -3.49
N VAL A 330 18.00 18.78 -3.71
CA VAL A 330 19.10 18.02 -4.29
C VAL A 330 20.14 17.77 -3.20
N PHE A 331 20.42 16.49 -2.94
CA PHE A 331 21.50 16.11 -2.05
C PHE A 331 22.71 15.88 -2.96
N VAL A 332 23.87 16.44 -2.62
CA VAL A 332 25.02 16.42 -3.53
C VAL A 332 26.05 15.41 -3.00
N LEU A 342 31.47 19.36 -6.31
CA LEU A 342 31.53 20.28 -5.15
C LEU A 342 30.86 21.61 -5.49
N LYS A 343 31.21 22.18 -6.65
CA LYS A 343 31.08 23.61 -6.89
C LYS A 343 29.94 23.95 -7.85
N GLU A 344 29.85 23.23 -8.97
CA GLU A 344 28.93 23.58 -10.04
C GLU A 344 27.59 22.84 -9.89
N VAL A 345 27.56 21.85 -9.00
CA VAL A 345 26.33 21.18 -8.60
C VAL A 345 25.42 22.22 -7.95
N LYS A 346 26.02 23.04 -7.06
CA LYS A 346 25.37 24.13 -6.31
C LYS A 346 24.86 25.25 -7.22
N ASN A 347 25.65 25.56 -8.26
CA ASN A 347 25.44 26.71 -9.11
C ASN A 347 24.33 26.41 -10.11
N LEU A 348 24.22 25.13 -10.51
CA LEU A 348 23.18 24.66 -11.41
C LEU A 348 21.81 24.67 -10.72
N VAL A 349 21.77 24.49 -9.39
CA VAL A 349 20.53 24.27 -8.66
C VAL A 349 19.85 25.60 -8.34
N GLU A 350 20.60 26.72 -8.43
CA GLU A 350 20.08 28.06 -8.13
C GLU A 350 19.07 28.51 -9.20
N LYS A 351 18.94 27.77 -10.31
CA LYS A 351 18.02 28.09 -11.40
C LYS A 351 16.68 27.39 -11.21
N THR A 352 16.57 26.53 -10.19
CA THR A 352 15.30 26.02 -9.68
C THR A 352 15.11 26.60 -8.28
N ASN A 353 14.07 26.18 -7.57
CA ASN A 353 13.93 26.59 -6.18
C ASN A 353 14.13 25.37 -5.27
N CYS A 354 14.95 24.41 -5.74
CA CYS A 354 15.38 23.27 -4.93
C CYS A 354 16.26 23.75 -3.78
N GLU A 355 16.25 22.99 -2.67
CA GLU A 355 17.24 23.13 -1.62
C GLU A 355 18.52 22.43 -2.05
N LEU A 356 19.51 22.34 -1.13
CA LEU A 356 20.68 21.52 -1.34
C LEU A 356 21.16 20.91 -0.01
N ILE A 370 25.92 9.79 -2.12
CA ILE A 370 26.10 8.91 -3.32
C ILE A 370 24.69 8.49 -3.73
N GLN A 371 24.54 8.20 -5.02
CA GLN A 371 23.25 7.84 -5.58
C GLN A 371 22.98 6.37 -5.28
N ASP A 372 23.92 5.72 -4.57
CA ASP A 372 24.01 4.28 -4.54
C ASP A 372 23.57 3.74 -3.19
N GLU A 373 23.27 4.66 -2.25
CA GLU A 373 23.04 4.30 -0.85
C GLU A 373 21.55 4.29 -0.52
N ILE A 374 20.80 5.07 -1.31
CA ILE A 374 19.56 5.71 -0.93
C ILE A 374 18.69 5.72 -2.19
N GLU A 375 17.37 5.48 -2.02
CA GLU A 375 16.37 5.85 -3.01
C GLU A 375 15.25 6.59 -2.30
N PHE A 376 14.93 7.77 -2.80
CA PHE A 376 13.79 8.51 -2.28
C PHE A 376 12.49 7.95 -2.87
N GLY A 377 11.58 7.62 -1.95
CA GLY A 377 10.19 7.42 -2.30
C GLY A 377 9.30 8.12 -1.28
N TYR A 378 8.02 7.71 -1.30
CA TYR A 378 7.07 8.16 -0.32
C TYR A 378 6.04 7.06 -0.02
N ILE A 379 5.08 7.42 0.84
CA ILE A 379 3.92 6.61 1.17
C ILE A 379 2.77 7.58 1.35
N GLU A 380 1.54 7.19 0.98
CA GLU A 380 0.43 8.14 1.02
C GLU A 380 -0.87 7.44 1.43
N ALA A 381 -1.57 8.05 2.40
CA ALA A 381 -2.97 7.72 2.69
C ALA A 381 -3.82 8.97 2.48
N PRO A 382 -5.17 8.85 2.40
CA PRO A 382 -6.03 10.02 2.17
C PRO A 382 -5.77 11.08 3.23
N HIS A 383 -5.55 10.65 4.47
CA HIS A 383 -5.19 11.60 5.52
C HIS A 383 -3.78 12.12 5.29
N LYS A 384 -2.78 11.26 5.48
CA LYS A 384 -1.38 11.64 5.61
C LYS A 384 -0.51 10.97 4.54
N GLY A 385 0.66 11.56 4.32
CA GLY A 385 1.78 10.91 3.67
C GLY A 385 3.13 11.55 4.03
N PHE A 386 4.23 10.90 3.62
CA PHE A 386 5.53 11.49 3.82
C PHE A 386 6.64 10.69 3.11
N PRO A 387 7.70 11.39 2.69
CA PRO A 387 8.88 10.74 2.15
C PRO A 387 9.39 9.63 3.07
N VAL A 388 9.75 8.54 2.40
CA VAL A 388 10.42 7.40 3.02
C VAL A 388 11.54 7.03 2.07
N VAL A 389 12.67 6.68 2.69
CA VAL A 389 13.86 6.44 1.94
C VAL A 389 14.13 4.96 2.13
N LEU A 390 14.35 4.29 1.00
CA LEU A 390 14.83 2.92 1.03
C LEU A 390 16.35 2.99 1.16
N ASP A 391 16.88 2.05 1.97
CA ASP A 391 18.29 1.97 2.29
C ASP A 391 18.89 0.70 1.70
N SER A 392 19.90 0.92 0.86
CA SER A 392 20.70 -0.15 0.27
C SER A 392 21.32 -1.00 1.40
N PRO A 393 21.31 -2.36 1.27
CA PRO A 393 21.99 -3.23 2.24
C PRO A 393 23.51 -3.03 2.36
N GLU A 405 20.36 7.52 7.73
CA GLU A 405 19.55 7.99 8.88
C GLU A 405 19.24 9.48 8.77
N LEU A 406 18.40 9.80 7.77
CA LEU A 406 17.60 11.02 7.75
C LEU A 406 16.24 10.72 8.40
N LEU A 407 16.28 9.79 9.37
CA LEU A 407 15.08 9.32 10.06
C LEU A 407 14.57 10.42 10.98
N GLY A 408 13.65 11.24 10.48
CA GLY A 408 13.09 12.32 11.25
C GLY A 408 11.57 12.25 11.31
N PRO A 409 10.93 13.26 11.89
CA PRO A 409 9.50 13.47 11.74
C PRO A 409 9.08 13.70 10.29
N ASP A 410 8.21 12.84 9.76
CA ASP A 410 7.76 12.92 8.37
C ASP A 410 8.92 12.64 7.41
N PHE A 411 9.88 11.82 7.85
CA PHE A 411 10.85 11.26 6.95
C PHE A 411 11.16 9.84 7.40
N GLY A 412 10.66 8.87 6.62
CA GLY A 412 10.60 7.50 7.11
C GLY A 412 11.80 6.72 6.61
N TYR A 413 11.88 5.45 7.00
CA TYR A 413 13.00 4.60 6.69
C TYR A 413 12.52 3.16 6.46
N VAL A 414 13.01 2.52 5.38
CA VAL A 414 13.01 1.07 5.21
C VAL A 414 14.41 0.64 4.75
N THR A 415 14.82 -0.53 5.25
CA THR A 415 15.88 -1.31 4.63
C THR A 415 15.35 -2.71 4.41
N ARG A 416 16.04 -3.44 3.54
CA ARG A 416 16.02 -4.89 3.50
C ARG A 416 17.47 -5.37 3.44
N GLU A 417 17.86 -6.14 4.48
CA GLU A 417 19.15 -6.80 4.56
C GLU A 417 18.96 -8.22 4.04
N PRO A 418 19.91 -8.75 3.22
CA PRO A 418 19.88 -10.17 2.90
C PRO A 418 20.06 -11.00 4.17
N LEU A 419 20.09 -12.32 4.04
CA LEU A 419 20.29 -13.20 5.18
C LEU A 419 21.25 -14.31 4.81
N PHE A 420 20.84 -15.21 3.91
CA PHE A 420 21.74 -16.22 3.38
C PHE A 420 22.59 -15.58 2.28
N GLU A 421 21.99 -14.70 1.46
CA GLU A 421 22.61 -14.11 0.28
C GLU A 421 23.59 -13.00 0.68
N SER A 422 24.47 -12.61 -0.25
CA SER A 422 25.37 -11.50 -0.01
C SER A 422 25.28 -10.50 -1.16
N VAL A 423 25.70 -9.27 -0.85
CA VAL A 423 25.48 -8.12 -1.69
C VAL A 423 26.49 -8.16 -2.84
N THR A 424 26.11 -7.53 -3.96
CA THR A 424 26.99 -7.24 -5.09
C THR A 424 26.93 -5.74 -5.37
N SER A 425 27.56 -5.32 -6.47
CA SER A 425 27.42 -3.98 -7.03
C SER A 425 25.99 -3.71 -7.55
N LEU A 426 25.25 -4.76 -7.95
CA LEU A 426 23.92 -4.64 -8.54
C LEU A 426 22.85 -4.30 -7.49
N ASP A 427 23.24 -4.30 -6.20
CA ASP A 427 22.40 -3.95 -5.06
C ASP A 427 22.32 -2.44 -4.82
N SER A 428 23.43 -1.77 -5.12
CA SER A 428 23.56 -0.34 -5.10
C SER A 428 22.50 0.32 -6.01
N PHE A 429 21.92 1.45 -5.55
CA PHE A 429 20.65 1.96 -6.09
C PHE A 429 20.82 2.90 -7.28
N GLY A 430 22.02 2.92 -7.84
CA GLY A 430 22.19 3.38 -9.21
C GLY A 430 21.67 2.33 -10.17
N ASN A 431 21.58 1.07 -9.65
CA ASN A 431 20.96 -0.04 -10.35
C ASN A 431 19.45 -0.05 -10.12
N LEU A 432 18.87 1.08 -9.71
CA LEU A 432 17.47 1.14 -9.36
C LEU A 432 16.88 2.48 -9.81
N GLU A 433 16.01 2.43 -10.82
CA GLU A 433 15.42 3.62 -11.40
C GLU A 433 13.93 3.35 -11.61
N VAL A 434 13.19 4.34 -12.12
CA VAL A 434 11.79 4.13 -12.43
C VAL A 434 11.41 5.04 -13.58
N SER A 435 10.59 4.53 -14.50
CA SER A 435 10.08 5.27 -15.62
C SER A 435 9.06 6.35 -15.21
N PRO A 436 8.84 7.34 -16.09
CA PRO A 436 7.60 8.11 -16.07
C PRO A 436 6.37 7.24 -16.28
N PRO A 437 5.18 7.80 -15.99
CA PRO A 437 3.93 7.07 -16.25
C PRO A 437 3.88 6.58 -17.69
N VAL A 438 3.31 5.41 -17.91
CA VAL A 438 3.24 4.82 -19.23
C VAL A 438 1.95 4.02 -19.38
N THR A 439 1.55 3.81 -20.64
CA THR A 439 0.53 2.84 -20.99
C THR A 439 1.15 1.80 -21.90
N VAL A 440 0.85 0.53 -21.63
CA VAL A 440 1.48 -0.60 -22.30
C VAL A 440 0.38 -1.57 -22.73
N ASN A 441 -0.05 -1.40 -23.99
CA ASN A 441 -1.10 -2.19 -24.57
C ASN A 441 -2.42 -1.94 -23.84
N GLY A 442 -2.61 -0.71 -23.36
CA GLY A 442 -3.84 -0.37 -22.64
C GLY A 442 -3.62 -0.31 -21.13
N LYS A 443 -2.96 -1.32 -20.54
CA LYS A 443 -2.66 -1.23 -19.13
C LYS A 443 -1.93 0.09 -18.90
N THR A 444 -2.24 0.74 -17.78
CA THR A 444 -1.68 2.03 -17.45
C THR A 444 -0.86 1.90 -16.18
N TYR A 445 0.28 2.56 -16.20
CA TYR A 445 1.20 2.59 -15.09
C TYR A 445 1.35 4.03 -14.69
N PRO A 446 0.35 4.58 -13.97
CA PRO A 446 0.32 5.99 -13.60
C PRO A 446 1.44 6.48 -12.71
N LEU A 447 2.20 5.57 -12.10
CA LEU A 447 3.30 5.91 -11.22
C LEU A 447 4.64 5.47 -11.83
N GLY A 448 4.54 4.86 -13.02
CA GLY A 448 5.73 4.39 -13.69
C GLY A 448 6.02 2.92 -13.43
N ARG A 449 7.21 2.50 -13.88
CA ARG A 449 7.65 1.14 -13.63
C ARG A 449 9.08 1.19 -13.11
N ILE A 450 9.33 0.50 -11.99
CA ILE A 450 10.68 0.36 -11.49
C ILE A 450 11.50 -0.49 -12.44
N LEU A 451 12.77 -0.11 -12.60
CA LEU A 451 13.72 -0.74 -13.52
C LEU A 451 14.93 -1.20 -12.72
N ILE A 452 15.34 -2.47 -12.88
CA ILE A 452 16.50 -2.99 -12.16
C ILE A 452 17.39 -3.80 -13.10
N GLY A 453 18.67 -3.49 -13.01
CA GLY A 453 19.66 -4.18 -13.81
C GLY A 453 19.87 -5.58 -13.28
N SER A 454 19.95 -6.53 -14.22
CA SER A 454 20.21 -7.91 -13.87
C SER A 454 21.21 -8.55 -14.85
N SER A 455 21.38 -9.87 -14.66
CA SER A 455 22.07 -10.74 -15.58
C SER A 455 21.09 -11.81 -16.00
N PHE A 456 21.42 -12.54 -17.07
CA PHE A 456 20.53 -13.60 -17.52
C PHE A 456 20.51 -14.71 -16.47
N PRO A 457 19.38 -15.43 -16.36
CA PRO A 457 19.19 -16.37 -15.26
C PRO A 457 20.12 -17.58 -15.26
N LEU A 458 20.66 -17.99 -16.42
CA LEU A 458 21.46 -19.22 -16.49
C LEU A 458 22.95 -18.90 -16.58
N SER A 459 23.25 -17.60 -16.55
CA SER A 459 24.56 -17.09 -16.90
C SER A 459 25.49 -17.11 -15.69
N GLY A 460 25.00 -17.54 -14.54
CA GLY A 460 25.72 -17.40 -13.28
C GLY A 460 26.14 -15.95 -12.98
N GLY A 461 25.65 -14.95 -13.72
CA GLY A 461 26.10 -13.59 -13.49
C GLY A 461 25.51 -13.02 -12.20
N ARG A 462 25.72 -11.72 -12.01
CA ARG A 462 25.24 -11.02 -10.82
C ARG A 462 23.77 -10.64 -10.97
N ARG A 463 23.16 -10.32 -9.81
CA ARG A 463 21.74 -10.11 -9.62
C ARG A 463 21.58 -9.31 -8.33
N MET A 464 20.63 -8.37 -8.28
CA MET A 464 20.31 -7.68 -7.03
C MET A 464 19.75 -8.74 -6.06
N THR A 465 19.91 -8.52 -4.76
CA THR A 465 19.45 -9.47 -3.75
C THR A 465 17.97 -9.73 -3.95
N LYS A 466 17.59 -11.01 -3.83
CA LYS A 466 16.19 -11.40 -3.87
C LYS A 466 15.33 -10.58 -2.90
N VAL A 467 15.90 -10.15 -1.78
CA VAL A 467 15.06 -9.60 -0.73
C VAL A 467 14.70 -8.14 -1.06
N VAL A 468 15.57 -7.44 -1.81
CA VAL A 468 15.21 -6.12 -2.29
C VAL A 468 14.26 -6.33 -3.46
N ARG A 469 14.51 -7.35 -4.29
CA ARG A 469 13.69 -7.56 -5.47
C ARG A 469 12.26 -7.90 -5.07
N ASP A 470 12.10 -8.79 -4.10
CA ASP A 470 10.77 -9.23 -3.69
C ASP A 470 10.02 -8.08 -3.05
N PHE A 471 10.77 -7.24 -2.33
CA PHE A 471 10.20 -6.08 -1.67
C PHE A 471 9.61 -5.17 -2.72
N LEU A 472 10.37 -4.89 -3.77
CA LEU A 472 9.96 -4.00 -4.83
C LEU A 472 8.76 -4.56 -5.61
N LYS A 473 8.79 -5.86 -5.91
CA LYS A 473 7.64 -6.50 -6.52
C LYS A 473 6.40 -6.35 -5.66
N ALA A 474 6.55 -6.62 -4.35
CA ALA A 474 5.44 -6.72 -3.42
C ALA A 474 4.66 -5.43 -3.32
N GLN A 475 5.29 -4.30 -3.66
CA GLN A 475 4.65 -3.00 -3.58
C GLN A 475 3.61 -2.88 -4.70
N GLN A 476 3.82 -3.60 -5.82
CA GLN A 476 2.84 -3.84 -6.88
C GLN A 476 2.65 -2.68 -7.86
N VAL A 477 2.48 -1.46 -7.34
CA VAL A 477 2.04 -0.32 -8.15
C VAL A 477 3.08 0.20 -9.16
N GLN A 478 4.32 -0.31 -9.11
CA GLN A 478 5.29 0.08 -10.14
C GLN A 478 5.91 -1.15 -10.77
N ALA A 479 5.10 -2.23 -10.83
CA ALA A 479 5.36 -3.48 -11.54
C ALA A 479 6.76 -3.55 -12.16
N PRO A 480 7.78 -3.93 -11.36
CA PRO A 480 9.19 -3.85 -11.76
C PRO A 480 9.55 -4.61 -13.02
N VAL A 481 10.52 -4.08 -13.75
CA VAL A 481 11.06 -4.68 -14.96
C VAL A 481 12.55 -4.89 -14.78
N GLU A 482 13.02 -6.09 -15.12
CA GLU A 482 14.44 -6.41 -15.06
C GLU A 482 15.10 -6.11 -16.38
N LEU A 483 16.24 -5.44 -16.31
CA LEU A 483 17.02 -5.10 -17.49
C LEU A 483 18.31 -5.92 -17.42
N TYR A 484 19.18 -5.70 -18.41
CA TYR A 484 20.47 -6.35 -18.47
C TYR A 484 21.54 -5.28 -18.25
N SER A 485 22.09 -5.24 -17.02
CA SER A 485 23.16 -4.32 -16.66
C SER A 485 24.48 -5.03 -16.35
N ASP A 486 24.53 -6.36 -16.28
CA ASP A 486 25.71 -7.08 -15.79
C ASP A 486 26.83 -7.16 -16.84
N TRP A 487 26.59 -6.64 -18.05
CA TRP A 487 27.64 -6.46 -19.03
C TRP A 487 28.48 -5.24 -18.68
N LEU A 488 28.11 -4.51 -17.61
CA LEU A 488 28.81 -3.32 -17.17
C LEU A 488 29.62 -3.66 -15.92
N THR A 489 30.80 -3.03 -15.78
CA THR A 489 31.75 -3.40 -14.74
C THR A 489 31.09 -3.15 -13.38
N VAL A 490 30.55 -1.92 -13.23
CA VAL A 490 29.75 -1.56 -12.08
C VAL A 490 28.40 -2.27 -12.10
N GLY A 491 27.62 -2.09 -13.17
CA GLY A 491 26.43 -2.92 -13.39
C GLY A 491 25.11 -2.20 -13.14
N HIS A 492 25.04 -0.91 -13.50
CA HIS A 492 23.89 -0.09 -13.14
C HIS A 492 23.20 0.45 -14.39
N VAL A 493 21.85 0.54 -14.26
CA VAL A 493 20.98 0.93 -15.35
C VAL A 493 21.26 2.40 -15.67
N ASP A 494 21.64 3.18 -14.64
CA ASP A 494 21.94 4.60 -14.80
C ASP A 494 23.22 4.86 -15.61
N GLU A 495 23.92 3.81 -16.05
CA GLU A 495 25.11 4.02 -16.86
C GLU A 495 24.71 4.10 -18.33
N PHE A 496 23.51 3.63 -18.68
CA PHE A 496 23.18 3.54 -20.11
C PHE A 496 21.86 4.20 -20.47
N MET A 497 21.04 4.60 -19.50
CA MET A 497 19.73 5.15 -19.86
C MET A 497 19.32 6.22 -18.86
N SER A 498 18.55 7.20 -19.34
CA SER A 498 17.94 8.21 -18.49
C SER A 498 16.62 8.63 -19.14
N PHE A 499 15.70 9.14 -18.33
CA PHE A 499 14.51 9.80 -18.85
C PHE A 499 14.66 11.30 -18.66
N VAL A 500 14.02 12.06 -19.56
CA VAL A 500 13.96 13.51 -19.45
C VAL A 500 12.58 13.97 -19.90
N PRO A 501 11.96 14.93 -19.19
CA PRO A 501 10.65 15.47 -19.57
C PRO A 501 10.84 16.37 -20.80
N ILE A 502 9.82 16.44 -21.64
CA ILE A 502 9.77 17.45 -22.69
C ILE A 502 8.94 18.61 -22.15
N PRO A 503 9.54 19.79 -21.87
CA PRO A 503 8.98 20.74 -20.92
C PRO A 503 7.61 21.33 -21.25
N GLY A 504 7.06 21.02 -22.43
CA GLY A 504 5.64 21.23 -22.70
C GLY A 504 4.93 19.90 -22.94
N THR A 505 4.29 19.37 -21.89
CA THR A 505 3.77 18.01 -21.77
C THR A 505 4.34 17.47 -20.46
N LYS A 506 3.82 16.39 -19.84
CA LYS A 506 2.95 15.33 -20.34
C LYS A 506 3.76 14.29 -21.14
N LYS A 507 4.97 14.66 -21.57
CA LYS A 507 5.71 13.73 -22.42
C LYS A 507 7.19 13.78 -22.06
N PHE A 508 7.82 12.60 -22.14
CA PHE A 508 9.20 12.38 -21.74
C PHE A 508 9.97 11.80 -22.91
N LEU A 509 11.29 11.66 -22.73
CA LEU A 509 12.16 10.99 -23.69
C LEU A 509 13.00 9.91 -23.00
N LEU A 510 13.30 8.81 -23.74
CA LEU A 510 14.33 7.88 -23.27
C LEU A 510 15.65 8.23 -23.91
N LEU A 511 16.67 8.46 -23.09
CA LEU A 511 18.02 8.67 -23.56
C LEU A 511 18.80 7.39 -23.32
N MET A 512 19.45 6.90 -24.38
CA MET A 512 20.22 5.67 -24.37
C MET A 512 21.68 6.00 -24.72
N ALA A 513 22.63 5.43 -23.99
CA ALA A 513 24.00 5.40 -24.46
C ALA A 513 24.04 4.58 -25.75
N SER A 514 24.92 4.99 -26.70
CA SER A 514 25.02 4.34 -27.99
C SER A 514 26.43 4.41 -28.51
N THR A 515 27.10 3.25 -28.63
CA THR A 515 28.46 3.25 -29.12
C THR A 515 28.46 3.51 -30.62
N SER A 516 27.39 3.09 -31.31
CA SER A 516 27.37 3.27 -32.76
C SER A 516 27.23 4.75 -33.11
N ALA A 517 26.50 5.53 -32.29
CA ALA A 517 26.35 6.95 -32.54
C ALA A 517 27.70 7.65 -32.38
N CYS A 518 28.50 7.14 -31.43
CA CYS A 518 29.83 7.64 -31.17
C CYS A 518 30.77 7.40 -32.36
N TYR A 519 30.79 6.18 -32.90
CA TYR A 519 31.63 5.88 -34.06
C TYR A 519 31.18 6.67 -35.29
N LYS A 520 29.86 6.86 -35.44
CA LYS A 520 29.31 7.64 -36.55
C LYS A 520 29.75 9.11 -36.45
N LEU A 521 29.85 9.61 -35.21
CA LEU A 521 30.20 11.00 -34.96
C LEU A 521 31.67 11.21 -35.29
N PHE A 522 32.51 10.31 -34.80
CA PHE A 522 33.95 10.41 -35.00
C PHE A 522 34.32 10.29 -36.48
N ARG A 523 33.66 9.38 -37.22
CA ARG A 523 33.97 9.17 -38.63
C ARG A 523 33.64 10.44 -39.43
N GLU A 524 32.71 11.26 -38.92
CA GLU A 524 32.44 12.55 -39.51
C GLU A 524 33.53 13.57 -39.13
N LYS A 525 34.01 13.51 -37.88
CA LYS A 525 35.06 14.40 -37.40
C LYS A 525 36.37 14.11 -38.12
N GLN A 526 36.72 12.82 -38.28
CA GLN A 526 37.94 12.46 -38.99
C GLN A 526 37.88 12.92 -40.44
N LYS A 527 36.70 12.77 -41.05
CA LYS A 527 36.36 13.31 -42.36
C LYS A 527 36.48 14.84 -42.36
N ASP A 528 35.97 15.52 -41.33
CA ASP A 528 36.11 16.97 -41.18
C ASP A 528 37.56 17.38 -40.92
N GLY A 529 38.48 16.41 -40.96
CA GLY A 529 39.83 16.55 -40.44
C GLY A 529 39.83 17.16 -39.04
N HIS A 530 39.29 16.44 -38.05
CA HIS A 530 39.56 16.74 -36.65
C HIS A 530 40.11 15.47 -36.01
N GLY A 531 40.73 14.64 -36.85
CA GLY A 531 41.27 13.35 -36.45
C GLY A 531 42.47 13.48 -35.51
N GLU A 532 43.00 14.72 -35.38
CA GLU A 532 44.11 15.06 -34.52
C GLU A 532 43.65 15.77 -33.26
N ALA A 533 42.43 16.31 -33.28
CA ALA A 533 41.73 16.65 -32.06
C ALA A 533 41.90 15.50 -31.07
N ILE A 534 42.18 15.84 -29.82
CA ILE A 534 42.76 14.87 -28.88
C ILE A 534 41.63 14.22 -28.07
N LYS A 545 47.84 10.89 -22.22
CA LYS A 545 48.31 9.67 -22.94
C LYS A 545 48.09 9.82 -24.44
N ARG A 546 47.47 10.93 -24.87
CA ARG A 546 47.42 11.41 -26.26
C ARG A 546 46.40 10.60 -27.07
N ILE A 547 45.12 10.97 -26.89
CA ILE A 547 44.04 10.24 -27.52
C ILE A 547 43.42 11.13 -28.58
N THR A 548 43.49 10.70 -29.85
CA THR A 548 42.80 11.36 -30.93
C THR A 548 41.71 10.45 -31.51
N ILE A 549 40.79 11.06 -32.28
CA ILE A 549 39.79 10.34 -33.04
C ILE A 549 40.47 9.27 -33.89
N ASN A 550 41.40 9.69 -34.77
CA ASN A 550 42.12 8.78 -35.67
C ASN A 550 42.62 7.56 -34.89
N LYS A 551 43.07 7.80 -33.65
CA LYS A 551 43.65 6.81 -32.77
C LYS A 551 42.60 5.77 -32.35
N ILE A 552 41.43 6.27 -31.94
CA ILE A 552 40.30 5.44 -31.54
C ILE A 552 39.76 4.63 -32.73
N LEU A 553 39.42 5.34 -33.84
CA LEU A 553 38.83 4.73 -35.03
C LEU A 553 39.64 3.53 -35.54
N SER A 554 40.97 3.67 -35.54
CA SER A 554 41.85 2.64 -36.04
C SER A 554 42.10 1.58 -34.96
N ASN A 555 41.49 1.73 -33.77
CA ASN A 555 41.60 0.68 -32.77
C ASN A 555 40.46 -0.33 -33.00
N GLU A 556 40.87 -1.44 -33.66
CA GLU A 556 40.02 -2.52 -34.17
C GLU A 556 39.50 -3.37 -33.04
N SER A 557 40.39 -3.60 -32.08
CA SER A 557 40.06 -4.44 -30.94
C SER A 557 38.95 -3.76 -30.12
N LEU A 558 39.10 -2.44 -29.98
CA LEU A 558 38.20 -1.62 -29.19
C LEU A 558 36.87 -1.47 -29.91
N VAL A 559 36.93 -1.50 -31.25
CA VAL A 559 35.75 -1.44 -32.10
C VAL A 559 34.88 -2.67 -31.85
N GLN A 560 35.50 -3.85 -31.80
CA GLN A 560 34.80 -5.10 -31.56
C GLN A 560 34.04 -5.02 -30.22
N GLU A 561 34.75 -4.66 -29.15
CA GLU A 561 34.16 -4.59 -27.82
C GLU A 561 32.86 -3.79 -27.85
N ASN A 562 32.88 -2.68 -28.58
CA ASN A 562 31.78 -1.72 -28.59
C ASN A 562 30.63 -2.19 -29.48
N LEU A 563 30.91 -3.06 -30.46
CA LEU A 563 29.87 -3.75 -31.22
C LEU A 563 29.11 -4.70 -30.29
N TYR A 564 29.85 -5.33 -29.36
CA TYR A 564 29.29 -6.26 -28.40
C TYR A 564 28.48 -5.47 -27.37
N PHE A 565 28.97 -4.31 -26.96
CA PHE A 565 28.26 -3.45 -26.05
C PHE A 565 27.05 -2.82 -26.72
N GLN A 566 27.15 -2.45 -28.00
CA GLN A 566 25.95 -1.95 -28.66
C GLN A 566 24.88 -3.04 -28.60
N ARG A 567 25.32 -4.32 -28.64
CA ARG A 567 24.40 -5.44 -28.61
C ARG A 567 23.67 -5.52 -27.27
N CYS A 568 24.40 -5.42 -26.17
CA CYS A 568 23.81 -5.32 -24.86
C CYS A 568 22.83 -4.13 -24.80
N LEU A 569 23.23 -2.98 -25.36
CA LEU A 569 22.36 -1.80 -25.25
C LEU A 569 21.05 -2.02 -26.00
N ASP A 570 21.12 -2.68 -27.17
CA ASP A 570 19.95 -2.97 -28.00
C ASP A 570 19.03 -4.01 -27.37
N TRP A 571 19.60 -4.97 -26.65
CA TRP A 571 18.77 -5.90 -25.89
C TRP A 571 17.81 -5.13 -24.96
N ASN A 572 18.38 -4.19 -24.20
CA ASN A 572 17.67 -3.36 -23.25
C ASN A 572 16.70 -2.42 -23.95
N ARG A 573 17.16 -1.85 -25.07
CA ARG A 573 16.32 -1.00 -25.88
C ARG A 573 15.03 -1.76 -26.17
N ASP A 574 15.17 -3.05 -26.49
CA ASP A 574 14.00 -3.80 -26.90
C ASP A 574 13.09 -4.05 -25.71
N ILE A 575 13.65 -4.34 -24.53
CA ILE A 575 12.87 -4.56 -23.32
C ILE A 575 12.14 -3.25 -22.98
N LEU A 576 12.87 -2.15 -23.01
CA LEU A 576 12.34 -0.86 -22.60
C LEU A 576 11.18 -0.49 -23.50
N LYS A 577 11.33 -0.69 -24.80
CA LYS A 577 10.26 -0.34 -25.74
C LYS A 577 9.00 -1.14 -25.42
N LYS A 578 9.20 -2.45 -25.25
CA LYS A 578 8.11 -3.36 -25.00
C LYS A 578 7.36 -3.04 -23.71
N GLU A 579 8.10 -2.75 -22.64
CA GLU A 579 7.55 -2.72 -21.30
C GLU A 579 7.14 -1.31 -20.92
N LEU A 580 7.63 -0.32 -21.66
CA LEU A 580 7.21 1.05 -21.39
C LEU A 580 6.36 1.59 -22.55
N GLY A 581 6.02 0.71 -23.51
CA GLY A 581 5.36 1.09 -24.74
C GLY A 581 6.02 2.31 -25.38
N LEU A 582 7.26 2.15 -25.80
CA LEU A 582 7.97 3.20 -26.49
C LEU A 582 8.16 2.81 -27.94
N THR A 583 8.48 3.83 -28.74
CA THR A 583 8.88 3.70 -30.14
C THR A 583 10.21 4.43 -30.32
N GLU A 584 10.77 4.32 -31.53
CA GLU A 584 11.98 5.02 -31.88
C GLU A 584 11.78 6.52 -31.73
N GLN A 585 10.55 7.01 -31.92
CA GLN A 585 10.23 8.42 -31.74
C GLN A 585 10.66 8.90 -30.36
N ASP A 586 10.59 8.01 -29.37
CA ASP A 586 10.76 8.40 -27.97
C ASP A 586 12.22 8.28 -27.51
N ILE A 587 13.16 7.88 -28.39
CA ILE A 587 14.50 7.52 -27.95
C ILE A 587 15.55 8.41 -28.62
N ILE A 588 16.41 9.02 -27.80
CA ILE A 588 17.60 9.68 -28.31
C ILE A 588 18.81 8.83 -27.89
N ASP A 589 19.59 8.39 -28.87
CA ASP A 589 20.85 7.75 -28.59
C ASP A 589 21.91 8.84 -28.33
N LEU A 590 22.69 8.69 -27.27
CA LEU A 590 23.74 9.64 -26.94
C LEU A 590 25.06 8.93 -27.19
N PRO A 591 26.05 9.61 -27.82
CA PRO A 591 27.31 8.94 -28.16
C PRO A 591 28.06 8.56 -26.88
N ALA A 592 28.64 7.35 -26.91
CA ALA A 592 29.26 6.77 -25.74
C ALA A 592 30.21 5.67 -26.20
N LEU A 593 31.21 5.39 -25.36
CA LEU A 593 32.31 4.50 -25.72
C LEU A 593 32.76 3.74 -24.47
N PHE A 594 33.06 2.45 -24.62
CA PHE A 594 33.38 1.65 -23.45
C PHE A 594 34.70 0.91 -23.72
N LYS A 595 35.42 0.66 -22.64
CA LYS A 595 36.56 -0.23 -22.68
C LYS A 595 36.20 -1.48 -21.88
N MET A 596 36.65 -2.63 -22.39
CA MET A 596 36.38 -3.93 -21.78
C MET A 596 37.43 -4.19 -20.71
N ASP A 597 36.99 -4.53 -19.48
CA ASP A 597 37.86 -4.83 -18.36
C ASP A 597 38.22 -6.32 -18.45
N GLU A 598 38.86 -6.83 -17.39
CA GLU A 598 39.35 -8.20 -17.36
C GLU A 598 38.17 -9.17 -17.41
N ASP A 599 37.03 -8.83 -16.80
CA ASP A 599 35.87 -9.70 -16.78
C ASP A 599 35.04 -9.59 -18.07
N HIS A 600 35.51 -8.77 -19.01
CA HIS A 600 34.86 -8.61 -20.30
C HIS A 600 33.66 -7.68 -20.15
N ARG A 601 33.68 -6.92 -19.07
CA ARG A 601 32.58 -6.04 -18.73
C ARG A 601 33.00 -4.62 -19.08
N ALA A 602 31.99 -3.76 -19.34
CA ALA A 602 32.24 -2.44 -19.90
C ALA A 602 32.52 -1.42 -18.80
N ARG A 603 33.54 -0.59 -19.04
CA ARG A 603 33.64 0.63 -18.26
C ARG A 603 33.89 1.78 -19.24
N ALA A 604 33.27 2.90 -18.89
CA ALA A 604 33.20 4.06 -19.76
C ALA A 604 34.60 4.54 -20.13
N PHE A 605 34.68 5.12 -21.31
CA PHE A 605 35.94 5.50 -21.92
C PHE A 605 36.11 7.00 -21.69
N PHE A 606 35.07 7.78 -22.05
CA PHE A 606 34.96 9.18 -21.65
C PHE A 606 33.83 9.32 -20.61
N PRO A 607 33.66 10.50 -19.95
CA PRO A 607 32.51 10.75 -19.06
C PRO A 607 31.13 10.46 -19.65
N ASN A 608 30.34 9.68 -18.90
CA ASN A 608 29.13 9.01 -19.39
C ASN A 608 27.93 9.96 -19.33
N MET A 609 27.60 10.58 -20.48
CA MET A 609 26.76 11.78 -20.51
C MET A 609 25.30 11.49 -20.11
N VAL A 610 24.76 10.33 -20.50
CA VAL A 610 23.39 9.94 -20.21
C VAL A 610 23.14 9.89 -18.70
N ASN A 611 24.23 9.68 -17.91
CA ASN A 611 24.18 9.53 -16.46
C ASN A 611 24.10 10.90 -15.76
N MET A 612 22.95 11.60 -15.96
CA MET A 612 22.84 13.02 -15.66
C MET A 612 21.90 13.21 -14.47
N ILE A 613 21.77 14.48 -14.03
CA ILE A 613 20.76 14.94 -13.07
C ILE A 613 19.69 15.65 -13.89
N VAL A 614 18.41 15.42 -13.55
CA VAL A 614 17.30 16.01 -14.28
C VAL A 614 16.48 16.85 -13.31
N LEU A 615 16.88 18.13 -13.16
CA LEU A 615 16.24 19.10 -12.29
C LEU A 615 15.26 19.95 -13.11
N ASP A 616 14.30 19.26 -13.74
CA ASP A 616 13.17 19.87 -14.42
C ASP A 616 13.51 19.93 -15.91
N LYS A 617 13.83 21.13 -16.42
CA LYS A 617 14.29 21.32 -17.79
C LYS A 617 15.81 21.52 -17.82
N ASP A 618 16.40 21.84 -16.65
CA ASP A 618 17.85 21.88 -16.51
C ASP A 618 18.41 20.46 -16.42
N LEU A 619 19.37 20.14 -17.31
CA LEU A 619 20.05 18.85 -17.27
C LEU A 619 21.48 19.07 -16.80
N GLY A 620 21.89 18.30 -15.78
CA GLY A 620 23.25 18.28 -15.24
C GLY A 620 24.05 17.10 -15.78
N ILE A 621 24.68 17.34 -16.95
CA ILE A 621 25.25 16.33 -17.83
C ILE A 621 26.76 16.27 -17.59
N PRO A 622 27.36 15.10 -17.27
CA PRO A 622 28.82 14.99 -17.17
C PRO A 622 29.53 15.62 -18.38
N LYS A 623 30.67 16.28 -18.10
CA LYS A 623 31.44 17.00 -19.11
C LYS A 623 32.32 15.98 -19.86
N PRO A 624 32.18 15.85 -21.20
CA PRO A 624 32.80 14.75 -21.92
C PRO A 624 34.33 14.84 -22.06
N PHE A 625 34.85 16.01 -22.42
CA PHE A 625 36.29 16.21 -22.58
C PHE A 625 36.91 15.12 -23.45
N GLY A 626 36.44 14.99 -24.70
CA GLY A 626 36.98 14.03 -25.64
C GLY A 626 37.75 14.72 -26.77
N PRO A 627 37.92 14.07 -27.95
CA PRO A 627 38.36 14.77 -29.16
C PRO A 627 37.48 15.95 -29.59
N GLN A 628 38.02 17.17 -29.36
CA GLN A 628 37.27 18.41 -29.38
C GLN A 628 37.52 19.17 -30.69
N VAL A 629 36.64 20.13 -30.98
CA VAL A 629 36.87 21.11 -32.03
C VAL A 629 36.19 22.41 -31.57
N GLU A 630 36.40 23.51 -32.32
CA GLU A 630 35.90 24.84 -31.98
C GLU A 630 36.52 25.23 -30.63
N GLU A 631 35.86 26.11 -29.86
CA GLU A 631 36.34 26.54 -28.56
C GLU A 631 35.73 25.68 -27.44
N GLU A 632 35.02 24.60 -27.83
CA GLU A 632 34.36 23.71 -26.89
C GLU A 632 34.61 22.27 -27.37
N CYS A 633 33.55 21.51 -27.67
CA CYS A 633 33.69 20.10 -27.98
C CYS A 633 32.63 19.68 -29.01
N CYS A 634 33.00 18.72 -29.88
CA CYS A 634 32.08 18.19 -30.88
C CYS A 634 31.06 17.24 -30.24
N LEU A 635 31.30 16.83 -28.98
CA LEU A 635 30.38 15.99 -28.20
C LEU A 635 29.39 16.84 -27.41
N GLU A 636 29.84 17.98 -26.86
CA GLU A 636 28.98 18.94 -26.16
C GLU A 636 28.15 19.75 -27.15
N MET A 637 28.59 19.83 -28.41
CA MET A 637 27.84 20.47 -29.47
C MET A 637 26.75 19.51 -29.95
N HIS A 638 27.11 18.24 -30.09
CA HIS A 638 26.20 17.23 -30.60
C HIS A 638 25.06 16.99 -29.62
N VAL A 639 25.39 16.83 -28.31
CA VAL A 639 24.42 16.53 -27.26
C VAL A 639 23.52 17.74 -27.00
N ARG A 640 24.09 18.95 -27.03
CA ARG A 640 23.32 20.19 -27.01
C ARG A 640 22.36 20.26 -28.20
N GLY A 641 22.84 19.82 -29.38
CA GLY A 641 22.06 19.86 -30.61
C GLY A 641 20.76 19.06 -30.53
N LEU A 642 20.79 18.00 -29.72
CA LEU A 642 19.71 17.02 -29.63
C LEU A 642 18.67 17.47 -28.60
N LEU A 643 19.15 17.84 -27.39
CA LEU A 643 18.32 18.07 -26.23
C LEU A 643 17.70 19.47 -26.25
N GLU A 644 18.54 20.49 -26.54
CA GLU A 644 18.16 21.89 -26.35
C GLU A 644 16.98 22.23 -27.27
N PRO A 645 16.99 21.88 -28.59
CA PRO A 645 15.78 21.97 -29.42
C PRO A 645 14.52 21.19 -29.01
N LEU A 646 14.40 20.78 -27.73
CA LEU A 646 13.18 20.18 -27.22
C LEU A 646 12.64 20.97 -26.03
N GLY A 647 13.45 21.89 -25.50
CA GLY A 647 13.10 22.75 -24.39
C GLY A 647 14.19 22.83 -23.32
N LEU A 648 15.20 21.94 -23.40
CA LEU A 648 16.00 21.53 -22.25
C LEU A 648 17.32 22.28 -22.18
N GLU A 649 17.62 22.88 -21.02
CA GLU A 649 18.80 23.71 -20.84
C GLU A 649 19.96 22.90 -20.25
N CYS A 650 20.94 22.55 -21.12
CA CYS A 650 22.07 21.70 -20.74
C CYS A 650 23.15 22.49 -20.00
N THR A 651 23.49 22.01 -18.80
CA THR A 651 24.65 22.46 -18.04
C THR A 651 25.60 21.27 -17.85
N PHE A 652 26.86 21.41 -18.27
CA PHE A 652 27.84 20.34 -18.19
C PHE A 652 28.73 20.59 -16.97
N ILE A 653 29.06 19.54 -16.20
CA ILE A 653 29.66 19.71 -14.89
C ILE A 653 31.17 19.42 -14.97
N GLY A 669 26.66 10.41 -6.91
CA GLY A 669 27.20 11.79 -6.84
C GLY A 669 26.17 12.80 -6.31
N THR A 670 24.97 12.76 -6.92
CA THR A 670 23.82 13.51 -6.48
C THR A 670 22.62 12.56 -6.28
N ASN A 671 21.45 13.12 -5.94
CA ASN A 671 20.29 12.34 -5.53
C ASN A 671 19.16 13.31 -5.15
N VAL A 672 18.06 13.31 -5.92
CA VAL A 672 17.06 14.36 -5.79
C VAL A 672 15.75 13.78 -5.25
N ARG A 673 15.31 14.32 -4.10
CA ARG A 673 13.97 14.14 -3.56
C ARG A 673 12.98 14.93 -4.43
N ARG A 674 11.86 14.30 -4.81
CA ARG A 674 10.92 14.87 -5.78
C ARG A 674 9.51 15.00 -5.20
N LYS A 675 8.68 15.77 -5.92
CA LYS A 675 7.26 15.87 -5.66
C LYS A 675 6.62 14.52 -6.01
N PRO A 676 5.86 13.89 -5.08
CA PRO A 676 4.94 12.82 -5.43
C PRO A 676 4.07 13.07 -6.66
N PHE A 677 3.73 11.97 -7.34
CA PHE A 677 2.61 11.95 -8.25
C PHE A 677 1.40 12.55 -7.53
N THR A 678 0.71 13.45 -8.22
CA THR A 678 -0.59 13.92 -7.76
C THR A 678 -1.56 12.73 -7.83
N PHE A 679 -1.29 11.77 -8.74
CA PHE A 679 -2.09 10.56 -8.90
C PHE A 679 -2.06 9.67 -7.66
N LYS A 680 -3.24 9.41 -7.07
CA LYS A 680 -3.32 8.58 -5.88
C LYS A 680 -3.18 7.12 -6.29
N TRP A 681 -2.29 6.40 -5.59
CA TRP A 681 -1.96 5.03 -5.94
C TRP A 681 -3.19 4.11 -5.84
N TRP A 682 -4.17 4.43 -4.99
CA TRP A 682 -5.31 3.56 -4.80
C TRP A 682 -6.29 3.66 -5.96
N HIS A 683 -6.17 4.69 -6.81
CA HIS A 683 -7.04 4.80 -7.98
C HIS A 683 -6.57 3.90 -9.11
N MET A 684 -5.35 3.40 -8.99
CA MET A 684 -4.79 2.49 -9.98
C MET A 684 -5.68 1.26 -10.14
N VAL A 685 -5.81 0.81 -11.39
CA VAL A 685 -6.73 -0.22 -11.84
C VAL A 685 -5.99 -1.56 -11.98
N PRO A 686 -6.57 -2.72 -11.62
CA PRO A 686 -5.97 -4.00 -12.00
C PRO A 686 -6.22 -4.34 -13.47
C ACT B . -10.70 0.73 26.44
O ACT B . -11.19 1.04 25.34
OXT ACT B . -11.27 0.02 27.28
CH3 ACT B . -9.31 1.24 26.78
C ACT C . -8.15 8.77 9.39
O ACT C . -7.02 8.64 9.92
OXT ACT C . -8.66 9.86 9.09
CH3 ACT C . -8.93 7.49 9.04
CA CA D . 4.93 11.85 11.26
CA CA E . 5.39 8.48 13.56
CA CA F . 5.54 3.36 18.37
CA CA G . -14.73 8.50 4.68
CA CA H . 18.44 5.43 -8.38
C47 A1AJC I . 33.61 -11.75 -24.10
C48 A1AJC I . 34.04 -12.83 -23.33
C40 A1AJC I . 29.33 -13.12 -19.42
C36 A1AJC I . 28.40 -15.28 -20.31
C35 A1AJC I . 29.48 -17.49 -19.73
C33 A1AJC I . 29.11 -22.59 -18.33
C37 A1AJC I . 29.03 -14.96 -21.66
N3 A1AJC I . 18.76 -17.88 -20.96
C4 A1AJC I . 18.81 -18.14 -22.42
C6 A1AJC I . 19.75 -17.39 -20.19
C9 A1AJC I . 22.25 -17.40 -20.39
C13 A1AJC I . 21.02 -15.98 -21.86
C8 A1AJC I . 21.02 -16.94 -20.86
C16 A1AJC I . 25.90 -16.72 -20.48
C19 A1AJC I . 25.88 -19.30 -19.76
C26 A1AJC I . 22.83 -22.00 -22.51
C1 A1AJC I . 16.57 -16.99 -20.31
C2 A1AJC I . 17.48 -18.19 -20.32
C5 A1AJC I . 18.85 -19.60 -22.77
O7 A1AJC I . 19.64 -17.31 -18.96
C10 A1AJC I . 23.44 -16.90 -20.91
C11 A1AJC I . 23.38 -15.92 -21.91
C12 A1AJC I . 22.18 -15.46 -22.38
F14 A1AJC I . 19.86 -15.50 -22.29
C15 A1AJC I . 24.73 -17.46 -20.46
C17 A1AJC I . 27.08 -17.38 -20.11
N18 A1AJC I . 27.07 -18.67 -19.74
N20 A1AJC I . 24.70 -18.75 -20.10
N21 A1AJC I . 25.88 -20.61 -19.45
C22 A1AJC I . 24.70 -21.46 -19.40
C23 A1AJC I . 24.77 -22.68 -20.33
C24 A1AJC I . 25.20 -22.24 -21.74
C25 A1AJC I . 24.19 -21.34 -22.44
C27 A1AJC I . 22.34 -22.40 -21.13
C28 A1AJC I . 23.36 -23.31 -20.43
C29 A1AJC I . 25.77 -23.72 -19.76
C30 A1AJC I . 27.21 -23.28 -19.73
O31 A1AJC I . 27.87 -23.13 -20.76
N32 A1AJC I . 27.74 -23.05 -18.52
N34 A1AJC I . 28.28 -16.75 -20.08
C38 A1AJC I . 29.35 -13.48 -21.79
N39 A1AJC I . 30.15 -13.05 -20.64
C41 A1AJC I . 29.02 -14.57 -19.10
C42 A1AJC I . 31.47 -12.81 -20.57
O43 A1AJC I . 32.10 -12.98 -19.53
C44 A1AJC I . 32.20 -12.44 -21.83
C45 A1AJC I . 31.79 -11.36 -22.62
C46 A1AJC I . 32.49 -11.00 -23.77
C49 A1AJC I . 33.33 -13.18 -22.18
N50 A1AJC I . 35.16 -13.42 -23.91
C51 A1AJC I . 35.42 -12.73 -25.00
N52 A1AJC I . 34.52 -11.70 -25.19
C53 A1AJC I . 34.57 -10.69 -26.22
C54 A1AJC I . 33.46 -10.43 -27.01
C55 A1AJC I . 33.51 -9.43 -27.98
C56 A1AJC I . 34.66 -8.70 -28.15
C57 A1AJC I . 35.77 -8.95 -27.38
C58 A1AJC I . 35.74 -9.94 -26.41
C59 A1AJC I . 36.52 -13.03 -25.95
#